data_3RMJ
#
_entry.id   3RMJ
#
_cell.length_a   46.296
_cell.length_b   103.581
_cell.length_c   129.937
_cell.angle_alpha   90.00
_cell.angle_beta   90.00
_cell.angle_gamma   90.00
#
_symmetry.space_group_name_H-M   'P 21 21 21'
#
loop_
_entity.id
_entity.type
_entity.pdbx_description
1 polymer '2-isopropylmalate synthase'
2 non-polymer 'MANGANESE (II) ION'
3 non-polymer 'MAGNESIUM ION'
4 non-polymer GLYCEROL
5 water water
#
_entity_poly.entity_id   1
_entity_poly.type   'polypeptide(L)'
_entity_poly.pdbx_seq_one_letter_code
;GIDPFTMTQTNRVIIFDTTLRDGEQSPGAAMTKEEKIRVARQLEKLGVDIIEAGFAAASPGDFEAVNAIAKTITKSTVCS
LSRAIERDIRQAGEAVAPAPKKRIHTFIATSPIHMEYKLKMKPKQVIEAAVKAVKIAREYTDDVEFSCEDALRSEIDFLA
EICGAVIEAGATTINIPDTVGYSIPYKTEEFFRELIAKTPNGGKVVWSAHCHNDLGLAVANSLAALKGGARQVECTVNGL
GERAGNASVEEIVMALKVRHDLFGLETGIDTTQIVPSSKLVSTITGYPVQPNKAIVGANAFSHESGIHQDGVLKHRETYE
IMSAESVGWATNRLSLGKLSGRNAFKTKLADLGIELESEEALNAAFARFK
;
_entity_poly.pdbx_strand_id   A,B
#
# COMPACT_ATOMS: atom_id res chain seq x y z
N THR A 10 -20.81 -12.76 10.37
CA THR A 10 -19.85 -12.45 11.45
C THR A 10 -18.94 -11.28 11.07
N ASN A 11 -18.71 -10.38 12.01
CA ASN A 11 -17.79 -9.28 11.81
C ASN A 11 -16.37 -9.53 12.39
N ARG A 12 -16.08 -10.77 12.76
CA ARG A 12 -14.74 -11.13 13.21
C ARG A 12 -13.86 -11.44 11.98
N VAL A 13 -12.70 -10.78 11.90
CA VAL A 13 -11.74 -11.10 10.90
C VAL A 13 -10.66 -11.97 11.50
N ILE A 14 -10.28 -13.00 10.76
CA ILE A 14 -9.30 -13.94 11.22
C ILE A 14 -7.93 -13.49 10.68
N ILE A 15 -6.98 -13.26 11.57
CA ILE A 15 -5.66 -12.86 11.17
C ILE A 15 -4.78 -14.10 11.08
N PHE A 16 -4.40 -14.47 9.87
CA PHE A 16 -3.58 -15.65 9.59
C PHE A 16 -2.14 -15.15 9.36
N ASP A 17 -1.23 -15.40 10.31
CA ASP A 17 0.13 -14.92 10.14
C ASP A 17 1.03 -16.03 9.59
N THR A 18 1.73 -15.70 8.52
CA THR A 18 2.60 -16.69 7.89
C THR A 18 4.05 -16.14 7.79
N THR A 19 4.41 -15.31 8.76
CA THR A 19 5.77 -14.79 8.90
C THR A 19 6.79 -15.97 8.95
N LEU A 20 6.40 -17.03 9.65
CA LEU A 20 7.30 -18.19 9.82
C LEU A 20 7.29 -19.16 8.66
N ARG A 21 6.55 -18.87 7.59
CA ARG A 21 6.48 -19.88 6.50
C ARG A 21 6.68 -19.11 5.21
N ASP A 22 5.63 -18.41 4.78
CA ASP A 22 5.74 -17.59 3.59
C ASP A 22 6.82 -16.50 3.74
N GLY A 23 6.90 -15.92 4.93
CA GLY A 23 7.88 -14.89 5.25
C GLY A 23 9.29 -15.41 5.20
N GLU A 24 9.46 -16.57 5.83
CA GLU A 24 10.73 -17.24 5.95
C GLU A 24 11.38 -17.48 4.58
N GLN A 25 10.55 -17.66 3.56
CA GLN A 25 11.02 -18.01 2.24
C GLN A 25 11.71 -16.82 1.58
N SER A 26 11.58 -15.62 2.13
CA SER A 26 12.28 -14.46 1.52
C SER A 26 13.80 -14.73 1.52
N PRO A 27 14.52 -14.22 0.53
CA PRO A 27 15.94 -14.58 0.49
C PRO A 27 16.68 -14.21 1.79
N GLY A 28 17.37 -15.18 2.39
CA GLY A 28 18.16 -14.88 3.58
C GLY A 28 17.37 -14.94 4.86
N ALA A 29 16.08 -15.18 4.79
CA ALA A 29 15.22 -14.99 5.95
C ALA A 29 14.94 -16.31 6.65
N ALA A 30 15.63 -17.39 6.27
CA ALA A 30 15.45 -18.69 6.95
C ALA A 30 15.72 -18.57 8.43
N MET A 31 14.92 -19.25 9.24
CA MET A 31 15.02 -19.10 10.67
C MET A 31 15.29 -20.46 11.30
N THR A 32 16.08 -20.49 12.36
CA THR A 32 16.35 -21.69 13.13
C THR A 32 15.11 -22.02 14.00
N LYS A 33 15.12 -23.21 14.56
CA LYS A 33 14.03 -23.57 15.42
C LYS A 33 13.90 -22.58 16.61
N GLU A 34 15.02 -22.21 17.22
CA GLU A 34 14.97 -21.35 18.40
C GLU A 34 14.40 -19.99 18.02
N GLU A 35 14.80 -19.47 16.87
CA GLU A 35 14.26 -18.21 16.37
C GLU A 35 12.74 -18.29 16.12
N LYS A 36 12.30 -19.40 15.53
CA LYS A 36 10.89 -19.59 15.21
C LYS A 36 10.07 -19.67 16.48
N ILE A 37 10.58 -20.39 17.48
CA ILE A 37 9.83 -20.49 18.74
C ILE A 37 9.63 -19.10 19.37
N ARG A 38 10.69 -18.32 19.39
CA ARG A 38 10.62 -17.00 19.93
C ARG A 38 9.66 -16.09 19.14
N VAL A 39 9.68 -16.17 17.81
CA VAL A 39 8.76 -15.34 17.05
C VAL A 39 7.33 -15.81 17.33
N ALA A 40 7.14 -17.13 17.40
CA ALA A 40 5.84 -17.69 17.57
C ALA A 40 5.23 -17.25 18.88
N ARG A 41 6.02 -17.23 19.98
CA ARG A 41 5.49 -16.80 21.27
C ARG A 41 5.08 -15.34 21.18
N GLN A 42 5.88 -14.55 20.48
CA GLN A 42 5.52 -13.12 20.32
C GLN A 42 4.25 -13.00 19.46
N LEU A 43 4.10 -13.83 18.43
CA LEU A 43 2.88 -13.77 17.60
C LEU A 43 1.62 -14.16 18.40
N GLU A 44 1.76 -15.19 19.25
CA GLU A 44 0.70 -15.53 20.21
C GLU A 44 0.34 -14.36 21.14
N LYS A 45 1.33 -13.70 21.74
CA LYS A 45 1.06 -12.48 22.52
C LYS A 45 0.35 -11.38 21.71
N LEU A 46 0.76 -11.20 20.46
CA LEU A 46 0.18 -10.18 19.56
C LEU A 46 -1.31 -10.48 19.37
N GLY A 47 -1.69 -11.76 19.48
CA GLY A 47 -3.10 -12.16 19.40
C GLY A 47 -3.56 -12.54 17.99
N VAL A 48 -2.62 -12.87 17.09
CA VAL A 48 -2.99 -13.40 15.77
C VAL A 48 -3.77 -14.71 15.98
N ASP A 49 -4.64 -15.03 15.03
CA ASP A 49 -5.52 -16.17 15.21
C ASP A 49 -4.83 -17.48 14.79
N ILE A 50 -4.09 -17.41 13.69
CA ILE A 50 -3.40 -18.61 13.13
C ILE A 50 -1.93 -18.23 12.99
N ILE A 51 -1.06 -19.12 13.42
CA ILE A 51 0.37 -18.99 13.18
C ILE A 51 0.76 -20.14 12.24
N GLU A 52 1.02 -19.81 10.98
CA GLU A 52 1.59 -20.82 10.09
C GLU A 52 3.09 -20.96 10.35
N ALA A 53 3.46 -22.10 10.93
CA ALA A 53 4.74 -22.21 11.58
C ALA A 53 5.82 -22.71 10.60
N GLY A 54 5.40 -23.31 9.48
CA GLY A 54 6.33 -23.96 8.58
C GLY A 54 5.67 -24.90 7.59
N PHE A 55 6.53 -25.68 6.93
CA PHE A 55 6.14 -26.64 5.92
C PHE A 55 6.77 -27.98 6.37
N ALA A 56 6.03 -28.75 7.14
CA ALA A 56 6.62 -29.88 7.88
C ALA A 56 7.35 -30.85 6.97
N ALA A 57 6.80 -31.14 5.80
CA ALA A 57 7.37 -32.19 4.93
C ALA A 57 8.66 -31.72 4.22
N ALA A 58 9.01 -30.42 4.34
CA ALA A 58 10.17 -29.93 3.55
C ALA A 58 11.50 -30.55 3.94
N SER A 59 11.68 -30.89 5.22
CA SER A 59 12.92 -31.50 5.72
C SER A 59 12.69 -31.95 7.18
N PRO A 60 13.60 -32.77 7.73
CA PRO A 60 13.41 -33.12 9.13
C PRO A 60 13.53 -31.90 10.04
N GLY A 61 14.42 -30.97 9.71
CA GLY A 61 14.53 -29.73 10.48
C GLY A 61 13.23 -28.93 10.50
N ASP A 62 12.56 -28.87 9.34
CA ASP A 62 11.28 -28.18 9.24
C ASP A 62 10.19 -28.90 10.03
N PHE A 63 10.17 -30.23 9.96
CA PHE A 63 9.25 -30.97 10.78
C PHE A 63 9.46 -30.67 12.28
N GLU A 64 10.72 -30.65 12.71
N GLU A 64 10.72 -30.64 12.71
CA GLU A 64 11.04 -30.49 14.12
CA GLU A 64 11.01 -30.53 14.14
C GLU A 64 10.57 -29.13 14.57
C GLU A 64 10.71 -29.12 14.64
N ALA A 65 10.89 -28.10 13.78
CA ALA A 65 10.49 -26.72 14.10
C ALA A 65 8.97 -26.58 14.16
N VAL A 66 8.25 -27.15 13.20
CA VAL A 66 6.80 -27.05 13.22
C VAL A 66 6.28 -27.71 14.50
N ASN A 67 6.77 -28.93 14.77
CA ASN A 67 6.39 -29.69 15.92
C ASN A 67 6.76 -28.97 17.24
N ALA A 68 7.95 -28.38 17.31
CA ALA A 68 8.27 -27.55 18.47
C ALA A 68 7.27 -26.41 18.71
N ILE A 69 6.82 -25.75 17.63
N ILE A 69 6.80 -25.75 17.65
CA ILE A 69 5.82 -24.71 17.75
CA ILE A 69 5.82 -24.69 17.84
C ILE A 69 4.49 -25.27 18.24
C ILE A 69 4.45 -25.25 18.24
N ALA A 70 4.12 -26.44 17.73
CA ALA A 70 2.91 -27.09 18.08
C ALA A 70 2.93 -27.44 19.58
N LYS A 71 4.12 -27.62 20.17
CA LYS A 71 4.22 -27.93 21.61
C LYS A 71 4.29 -26.68 22.48
N THR A 72 4.35 -25.51 21.85
CA THR A 72 4.61 -24.23 22.54
C THR A 72 3.32 -23.42 22.64
N ILE A 73 2.56 -23.38 21.55
CA ILE A 73 1.55 -22.35 21.38
C ILE A 73 0.23 -22.96 21.80
N THR A 74 -0.59 -22.20 22.55
CA THR A 74 -1.90 -22.73 23.00
C THR A 74 -3.10 -21.87 22.68
N LYS A 75 -2.88 -20.57 22.43
CA LYS A 75 -3.96 -19.60 22.31
C LYS A 75 -4.22 -19.24 20.85
N SER A 76 -3.28 -19.60 19.98
CA SER A 76 -3.44 -19.43 18.55
C SER A 76 -3.42 -20.81 17.89
N THR A 77 -4.02 -20.92 16.70
CA THR A 77 -3.96 -22.12 15.89
C THR A 77 -2.57 -22.30 15.26
N VAL A 78 -2.01 -23.48 15.40
CA VAL A 78 -0.73 -23.78 14.75
C VAL A 78 -0.98 -24.52 13.41
N CYS A 79 -0.47 -23.96 12.32
CA CYS A 79 -0.72 -24.46 10.98
C CYS A 79 0.60 -24.93 10.32
N SER A 80 0.52 -25.99 9.52
CA SER A 80 1.64 -26.32 8.63
C SER A 80 1.15 -26.30 7.20
N LEU A 81 2.00 -25.84 6.29
CA LEU A 81 1.77 -26.06 4.88
C LEU A 81 1.98 -27.54 4.48
N SER A 82 1.35 -27.92 3.37
N SER A 82 1.34 -27.94 3.38
CA SER A 82 1.54 -29.25 2.79
CA SER A 82 1.60 -29.25 2.77
C SER A 82 1.22 -29.10 1.29
C SER A 82 1.15 -29.21 1.31
N ARG A 83 1.95 -29.79 0.41
CA ARG A 83 1.45 -30.04 -0.95
C ARG A 83 0.25 -30.96 -0.89
N ALA A 84 -0.49 -31.01 -1.99
CA ALA A 84 -1.71 -31.83 -2.05
C ALA A 84 -1.32 -33.28 -2.29
N ILE A 85 -0.52 -33.85 -1.40
CA ILE A 85 -0.07 -35.25 -1.58
C ILE A 85 0.03 -35.94 -0.24
N GLU A 86 -0.17 -37.25 -0.26
CA GLU A 86 -0.41 -37.94 0.98
C GLU A 86 0.75 -37.74 1.99
N ARG A 87 1.99 -37.96 1.53
CA ARG A 87 3.16 -37.81 2.44
C ARG A 87 3.13 -36.48 3.18
N ASP A 88 2.97 -35.39 2.43
CA ASP A 88 3.09 -34.05 3.02
C ASP A 88 1.96 -33.79 4.04
N ILE A 89 0.76 -34.26 3.72
CA ILE A 89 -0.41 -34.04 4.58
C ILE A 89 -0.20 -34.79 5.89
N ARG A 90 0.27 -36.04 5.81
CA ARG A 90 0.47 -36.78 7.04
C ARG A 90 1.56 -36.21 7.92
N GLN A 91 2.59 -35.64 7.29
CA GLN A 91 3.68 -35.06 8.06
C GLN A 91 3.26 -33.74 8.70
N ALA A 92 2.51 -32.93 7.96
CA ALA A 92 1.88 -31.75 8.53
C ALA A 92 1.03 -32.13 9.73
N GLY A 93 0.20 -33.15 9.53
CA GLY A 93 -0.74 -33.59 10.59
C GLY A 93 -0.02 -34.17 11.81
N GLU A 94 1.02 -34.97 11.59
CA GLU A 94 1.84 -35.44 12.71
C GLU A 94 2.59 -34.31 13.44
N ALA A 95 3.11 -33.34 12.71
CA ALA A 95 3.87 -32.26 13.33
C ALA A 95 2.98 -31.28 14.14
N VAL A 96 1.77 -30.99 13.65
CA VAL A 96 0.87 -30.16 14.42
C VAL A 96 0.06 -30.88 15.51
N ALA A 97 0.07 -32.21 15.50
CA ALA A 97 -0.76 -32.99 16.44
C ALA A 97 -0.78 -32.47 17.89
N PRO A 98 0.39 -32.06 18.44
CA PRO A 98 0.40 -31.61 19.85
C PRO A 98 -0.40 -30.34 20.20
N ALA A 99 -0.68 -29.49 19.21
CA ALA A 99 -1.27 -28.19 19.51
C ALA A 99 -2.75 -28.38 19.84
N PRO A 100 -3.25 -27.71 20.89
CA PRO A 100 -4.71 -27.81 21.11
C PRO A 100 -5.54 -27.24 19.95
N LYS A 101 -5.02 -26.21 19.24
CA LYS A 101 -5.64 -25.67 18.05
C LYS A 101 -4.67 -25.84 16.86
N LYS A 102 -5.07 -26.61 15.87
CA LYS A 102 -4.15 -27.00 14.80
C LYS A 102 -4.88 -27.03 13.46
N ARG A 103 -4.15 -26.65 12.42
CA ARG A 103 -4.69 -26.54 11.07
C ARG A 103 -3.66 -27.15 10.12
N ILE A 104 -4.12 -27.79 9.05
CA ILE A 104 -3.29 -28.13 7.91
C ILE A 104 -3.72 -27.25 6.74
N HIS A 105 -2.76 -26.64 6.06
CA HIS A 105 -3.01 -25.82 4.86
C HIS A 105 -2.44 -26.53 3.66
N THR A 106 -3.31 -26.99 2.76
CA THR A 106 -2.88 -27.64 1.57
C THR A 106 -3.28 -26.84 0.33
N PHE A 107 -2.69 -27.15 -0.82
CA PHE A 107 -2.85 -26.23 -2.00
C PHE A 107 -2.63 -26.97 -3.32
N ILE A 108 -3.16 -26.44 -4.42
CA ILE A 108 -2.77 -26.95 -5.73
C ILE A 108 -3.02 -25.82 -6.71
N ALA A 109 -2.27 -25.81 -7.82
CA ALA A 109 -2.45 -24.81 -8.87
C ALA A 109 -3.78 -25.08 -9.60
N THR A 110 -4.48 -24.01 -9.92
CA THR A 110 -5.80 -24.14 -10.50
C THR A 110 -5.92 -23.38 -11.82
N SER A 111 -4.81 -22.82 -12.29
CA SER A 111 -4.86 -22.10 -13.57
C SER A 111 -4.60 -23.00 -14.80
N PRO A 112 -5.19 -22.66 -15.96
CA PRO A 112 -4.98 -23.52 -17.15
C PRO A 112 -3.51 -23.75 -17.41
N ILE A 113 -2.71 -22.68 -17.35
CA ILE A 113 -1.27 -22.83 -17.65
C ILE A 113 -0.57 -23.74 -16.64
N HIS A 114 -0.79 -23.51 -15.35
CA HIS A 114 -0.13 -24.33 -14.34
C HIS A 114 -0.59 -25.77 -14.44
N MET A 115 -1.89 -26.00 -14.63
CA MET A 115 -2.42 -27.36 -14.63
C MET A 115 -1.86 -28.18 -15.80
N GLU A 116 -1.89 -27.59 -17.00
N GLU A 116 -1.85 -27.60 -16.99
CA GLU A 116 -1.39 -28.23 -18.23
CA GLU A 116 -1.40 -28.38 -18.14
C GLU A 116 0.12 -28.44 -18.23
C GLU A 116 0.13 -28.43 -18.34
N TYR A 117 0.83 -27.34 -17.96
CA TYR A 117 2.28 -27.27 -18.18
C TYR A 117 3.10 -27.60 -16.95
N LYS A 118 2.68 -27.15 -15.77
CA LYS A 118 3.41 -27.55 -14.56
C LYS A 118 2.94 -28.91 -14.04
N LEU A 119 1.66 -29.04 -13.72
CA LEU A 119 1.13 -30.28 -13.14
C LEU A 119 1.03 -31.46 -14.15
N LYS A 120 0.84 -31.14 -15.43
CA LYS A 120 0.49 -32.14 -16.44
C LYS A 120 -0.69 -33.04 -16.00
N MET A 121 -1.74 -32.39 -15.50
CA MET A 121 -3.02 -33.01 -15.15
C MET A 121 -4.20 -32.30 -15.82
N LYS A 122 -5.20 -33.09 -16.22
CA LYS A 122 -6.51 -32.55 -16.58
C LYS A 122 -7.19 -31.96 -15.34
N PRO A 123 -7.99 -30.90 -15.54
CA PRO A 123 -8.70 -30.31 -14.41
C PRO A 123 -9.34 -31.35 -13.49
N LYS A 124 -9.91 -32.41 -14.06
CA LYS A 124 -10.56 -33.46 -13.24
C LYS A 124 -9.62 -34.14 -12.26
N GLN A 125 -8.39 -34.39 -12.72
N GLN A 125 -8.38 -34.39 -12.69
CA GLN A 125 -7.37 -35.03 -11.87
CA GLN A 125 -7.40 -35.05 -11.82
C GLN A 125 -6.95 -34.07 -10.76
C GLN A 125 -6.86 -34.09 -10.76
N VAL A 126 -6.87 -32.79 -11.10
CA VAL A 126 -6.50 -31.74 -10.14
C VAL A 126 -7.55 -31.70 -9.00
N ILE A 127 -8.83 -31.65 -9.36
CA ILE A 127 -9.89 -31.74 -8.35
C ILE A 127 -9.74 -33.02 -7.51
N GLU A 128 -9.63 -34.16 -8.18
CA GLU A 128 -9.46 -35.41 -7.43
C GLU A 128 -8.27 -35.37 -6.47
N ALA A 129 -7.13 -34.85 -6.92
CA ALA A 129 -5.97 -34.78 -6.02
C ALA A 129 -6.26 -33.86 -4.79
N ALA A 130 -6.92 -32.74 -5.05
CA ALA A 130 -7.26 -31.81 -3.97
C ALA A 130 -8.20 -32.44 -2.96
N VAL A 131 -9.26 -33.08 -3.46
CA VAL A 131 -10.22 -33.77 -2.62
C VAL A 131 -9.54 -34.86 -1.76
N LYS A 132 -8.70 -35.68 -2.39
CA LYS A 132 -7.93 -36.71 -1.68
C LYS A 132 -7.06 -36.11 -0.55
N ALA A 133 -6.32 -35.03 -0.85
CA ALA A 133 -5.45 -34.39 0.14
C ALA A 133 -6.25 -33.86 1.32
N VAL A 134 -7.41 -33.24 1.01
CA VAL A 134 -8.23 -32.65 2.05
C VAL A 134 -8.85 -33.76 2.93
N LYS A 135 -9.27 -34.88 2.33
CA LYS A 135 -9.79 -36.00 3.16
C LYS A 135 -8.75 -36.58 4.12
N ILE A 136 -7.50 -36.70 3.64
CA ILE A 136 -6.46 -37.24 4.50
C ILE A 136 -6.16 -36.22 5.59
N ALA A 137 -6.18 -34.92 5.25
CA ALA A 137 -5.96 -33.91 6.27
C ALA A 137 -6.95 -34.01 7.42
N ARG A 138 -8.21 -34.32 7.11
CA ARG A 138 -9.27 -34.44 8.14
C ARG A 138 -9.09 -35.64 9.06
N GLU A 139 -8.17 -36.54 8.71
CA GLU A 139 -7.75 -37.58 9.66
C GLU A 139 -6.99 -36.97 10.84
N TYR A 140 -6.47 -35.74 10.69
CA TYR A 140 -5.59 -35.16 11.69
C TYR A 140 -6.17 -33.95 12.41
N THR A 141 -7.09 -33.24 11.77
CA THR A 141 -7.66 -32.08 12.44
C THR A 141 -8.97 -31.78 11.73
N ASP A 142 -9.90 -31.09 12.40
CA ASP A 142 -11.12 -30.68 11.73
C ASP A 142 -10.97 -29.31 11.02
N ASP A 143 -9.75 -28.77 11.06
CA ASP A 143 -9.51 -27.39 10.63
C ASP A 143 -8.51 -27.42 9.43
N VAL A 144 -9.01 -27.28 8.20
CA VAL A 144 -8.18 -27.51 7.00
C VAL A 144 -8.42 -26.32 6.04
N GLU A 145 -7.32 -25.69 5.60
CA GLU A 145 -7.39 -24.64 4.63
C GLU A 145 -6.96 -25.19 3.29
N PHE A 146 -7.65 -24.78 2.21
CA PHE A 146 -7.24 -25.13 0.89
C PHE A 146 -6.96 -23.83 0.14
N SER A 147 -5.79 -23.73 -0.50
CA SER A 147 -5.48 -22.56 -1.37
C SER A 147 -5.57 -22.98 -2.82
N CYS A 148 -6.19 -22.13 -3.64
CA CYS A 148 -6.14 -22.28 -5.09
C CYS A 148 -4.93 -21.46 -5.59
N GLU A 149 -3.81 -22.14 -5.80
CA GLU A 149 -2.60 -21.46 -6.23
C GLU A 149 -2.88 -20.92 -7.65
N ASP A 150 -2.50 -19.64 -7.88
CA ASP A 150 -2.67 -18.94 -9.17
C ASP A 150 -4.16 -18.67 -9.46
N ALA A 151 -4.95 -18.54 -8.38
CA ALA A 151 -6.40 -18.34 -8.45
C ALA A 151 -6.78 -17.27 -9.46
N LEU A 152 -6.05 -16.16 -9.45
CA LEU A 152 -6.48 -15.00 -10.24
C LEU A 152 -6.18 -15.12 -11.72
N ARG A 153 -5.47 -16.17 -12.15
CA ARG A 153 -5.33 -16.50 -13.57
C ARG A 153 -6.11 -17.77 -13.90
N SER A 154 -7.00 -18.17 -12.98
CA SER A 154 -7.82 -19.36 -13.16
C SER A 154 -9.18 -19.00 -13.72
N GLU A 155 -9.87 -19.97 -14.31
CA GLU A 155 -11.20 -19.75 -14.86
C GLU A 155 -12.16 -19.78 -13.66
N ILE A 156 -13.00 -18.77 -13.53
CA ILE A 156 -13.80 -18.66 -12.31
C ILE A 156 -14.78 -19.85 -12.13
N ASP A 157 -15.27 -20.39 -13.24
CA ASP A 157 -16.14 -21.55 -13.15
C ASP A 157 -15.44 -22.81 -12.62
N PHE A 158 -14.16 -22.96 -12.96
CA PHE A 158 -13.38 -24.07 -12.45
C PHE A 158 -13.07 -23.82 -10.98
N LEU A 159 -12.74 -22.58 -10.61
CA LEU A 159 -12.53 -22.27 -9.21
C LEU A 159 -13.74 -22.65 -8.39
N ALA A 160 -14.93 -22.25 -8.87
CA ALA A 160 -16.15 -22.57 -8.14
C ALA A 160 -16.29 -24.08 -8.03
N GLU A 161 -16.01 -24.80 -9.09
CA GLU A 161 -16.16 -26.26 -9.01
C GLU A 161 -15.15 -26.91 -8.02
N ILE A 162 -13.88 -26.57 -8.12
CA ILE A 162 -12.90 -27.20 -7.21
C ILE A 162 -13.11 -26.74 -5.76
N CYS A 163 -13.38 -25.44 -5.56
CA CYS A 163 -13.74 -25.01 -4.22
C CYS A 163 -14.97 -25.75 -3.68
N GLY A 164 -16.03 -25.88 -4.48
CA GLY A 164 -17.18 -26.71 -4.05
C GLY A 164 -16.73 -28.12 -3.66
N ALA A 165 -15.87 -28.72 -4.47
CA ALA A 165 -15.45 -30.10 -4.17
C ALA A 165 -14.63 -30.26 -2.87
N VAL A 166 -13.69 -29.35 -2.62
CA VAL A 166 -12.91 -29.42 -1.36
C VAL A 166 -13.70 -29.04 -0.09
N ILE A 167 -14.71 -28.19 -0.24
CA ILE A 167 -15.60 -27.88 0.88
C ILE A 167 -16.36 -29.15 1.21
N GLU A 168 -16.91 -29.81 0.20
CA GLU A 168 -17.56 -31.09 0.42
C GLU A 168 -16.62 -32.10 1.13
N ALA A 169 -15.36 -32.13 0.68
CA ALA A 169 -14.31 -32.98 1.28
C ALA A 169 -13.93 -32.63 2.73
N GLY A 170 -14.24 -31.42 3.15
CA GLY A 170 -13.86 -31.02 4.50
C GLY A 170 -13.02 -29.77 4.69
N ALA A 171 -12.71 -29.02 3.62
CA ALA A 171 -12.00 -27.78 3.83
C ALA A 171 -12.95 -26.74 4.45
N THR A 172 -12.45 -26.06 5.47
CA THR A 172 -13.25 -25.07 6.19
C THR A 172 -12.79 -23.63 5.98
N THR A 173 -11.60 -23.45 5.41
CA THR A 173 -11.11 -22.15 4.98
C THR A 173 -10.64 -22.28 3.52
N ILE A 174 -11.09 -21.38 2.65
CA ILE A 174 -10.61 -21.41 1.27
C ILE A 174 -9.83 -20.14 1.03
N ASN A 175 -8.58 -20.27 0.54
CA ASN A 175 -7.69 -19.12 0.42
C ASN A 175 -7.42 -18.82 -1.04
N ILE A 176 -7.54 -17.55 -1.38
CA ILE A 176 -7.35 -17.11 -2.75
C ILE A 176 -6.13 -16.16 -2.86
N PRO A 177 -4.95 -16.68 -3.28
CA PRO A 177 -3.77 -15.79 -3.33
C PRO A 177 -3.70 -14.98 -4.63
N ASP A 178 -3.21 -13.74 -4.55
CA ASP A 178 -2.88 -12.98 -5.75
C ASP A 178 -1.42 -13.37 -6.09
N THR A 179 -1.27 -14.54 -6.71
CA THR A 179 0.06 -15.13 -6.89
C THR A 179 1.04 -14.19 -7.60
N VAL A 180 0.62 -13.57 -8.70
CA VAL A 180 1.45 -12.65 -9.43
C VAL A 180 1.58 -11.29 -8.74
N GLY A 181 0.53 -10.83 -8.09
CA GLY A 181 0.61 -9.59 -7.27
C GLY A 181 0.18 -8.32 -7.99
N TYR A 182 -0.57 -8.47 -9.09
CA TYR A 182 -0.93 -7.31 -9.92
C TYR A 182 -2.41 -6.93 -9.76
N SER A 183 -3.11 -7.50 -8.78
CA SER A 183 -4.54 -7.18 -8.64
C SER A 183 -4.76 -5.71 -8.15
N ILE A 184 -5.96 -5.19 -8.39
CA ILE A 184 -6.31 -3.82 -8.04
C ILE A 184 -7.52 -3.96 -7.12
N PRO A 185 -7.63 -3.12 -6.06
CA PRO A 185 -8.64 -3.37 -5.03
C PRO A 185 -10.08 -3.59 -5.59
N TYR A 186 -10.55 -2.76 -6.51
CA TYR A 186 -11.96 -2.88 -6.89
C TYR A 186 -12.21 -4.24 -7.57
N LYS A 187 -11.22 -4.73 -8.30
CA LYS A 187 -11.28 -6.06 -8.96
C LYS A 187 -11.18 -7.24 -7.95
N THR A 188 -10.32 -7.07 -6.95
CA THR A 188 -10.22 -8.07 -5.86
C THR A 188 -11.57 -8.19 -5.14
N GLU A 189 -12.19 -7.05 -4.82
CA GLU A 189 -13.51 -7.11 -4.17
C GLU A 189 -14.52 -7.87 -5.06
N GLU A 190 -14.64 -7.50 -6.34
CA GLU A 190 -15.60 -8.12 -7.26
C GLU A 190 -15.37 -9.60 -7.36
N PHE A 191 -14.09 -9.97 -7.46
CA PHE A 191 -13.71 -11.34 -7.66
C PHE A 191 -14.16 -12.20 -6.46
N PHE A 192 -13.89 -11.73 -5.24
CA PHE A 192 -14.32 -12.48 -4.08
C PHE A 192 -15.86 -12.57 -4.04
N ARG A 193 -16.56 -11.47 -4.34
CA ARG A 193 -18.02 -11.51 -4.19
C ARG A 193 -18.61 -12.54 -5.16
N GLU A 194 -18.02 -12.60 -6.34
CA GLU A 194 -18.50 -13.45 -7.40
C GLU A 194 -18.17 -14.91 -7.11
N LEU A 195 -16.95 -15.17 -6.68
CA LEU A 195 -16.53 -16.52 -6.39
C LEU A 195 -17.31 -17.11 -5.19
N ILE A 196 -17.52 -16.32 -4.15
CA ILE A 196 -18.17 -16.86 -2.97
C ILE A 196 -19.57 -17.28 -3.36
N ALA A 197 -20.28 -16.40 -4.08
CA ALA A 197 -21.65 -16.65 -4.50
C ALA A 197 -21.79 -17.77 -5.53
N LYS A 198 -20.71 -18.10 -6.23
CA LYS A 198 -20.75 -19.13 -7.26
C LYS A 198 -20.39 -20.52 -6.74
N THR A 199 -19.80 -20.56 -5.57
CA THR A 199 -19.29 -21.82 -5.05
C THR A 199 -20.37 -22.54 -4.24
N PRO A 200 -20.64 -23.81 -4.55
CA PRO A 200 -21.62 -24.64 -3.80
C PRO A 200 -21.22 -24.74 -2.32
N ASN A 201 -22.16 -24.44 -1.43
CA ASN A 201 -21.91 -24.36 0.00
C ASN A 201 -20.82 -23.34 0.40
N GLY A 202 -20.60 -22.35 -0.48
CA GLY A 202 -19.70 -21.24 -0.20
C GLY A 202 -19.93 -20.56 1.14
N GLY A 203 -21.19 -20.50 1.58
CA GLY A 203 -21.52 -19.78 2.81
C GLY A 203 -21.12 -20.57 4.06
N LYS A 204 -20.64 -21.80 3.89
CA LYS A 204 -20.35 -22.66 5.01
C LYS A 204 -18.93 -22.51 5.53
N VAL A 205 -18.09 -21.78 4.82
CA VAL A 205 -16.68 -21.71 5.13
C VAL A 205 -16.16 -20.29 5.21
N VAL A 206 -14.98 -20.12 5.79
CA VAL A 206 -14.31 -18.81 5.83
C VAL A 206 -13.52 -18.64 4.51
N TRP A 207 -13.65 -17.48 3.86
CA TRP A 207 -12.85 -17.15 2.68
C TRP A 207 -11.66 -16.28 3.04
N SER A 208 -10.50 -16.61 2.45
CA SER A 208 -9.26 -15.95 2.84
C SER A 208 -8.59 -15.27 1.62
N ALA A 209 -7.94 -14.14 1.86
CA ALA A 209 -7.15 -13.47 0.83
C ALA A 209 -5.71 -13.60 1.26
N HIS A 210 -4.82 -13.78 0.27
CA HIS A 210 -3.37 -13.72 0.45
C HIS A 210 -2.78 -12.83 -0.63
N CYS A 211 -2.62 -11.53 -0.31
CA CYS A 211 -2.26 -10.51 -1.31
C CYS A 211 -0.77 -10.18 -1.31
N HIS A 212 -0.27 -9.73 -2.46
CA HIS A 212 1.15 -9.40 -2.65
C HIS A 212 1.38 -7.96 -3.01
N ASN A 213 2.56 -7.44 -2.64
CA ASN A 213 2.81 -6.00 -2.68
C ASN A 213 3.57 -5.52 -3.91
N ASP A 214 3.54 -6.28 -5.02
CA ASP A 214 4.35 -5.91 -6.20
C ASP A 214 3.97 -4.55 -6.82
N LEU A 215 2.74 -4.08 -6.59
CA LEU A 215 2.34 -2.73 -7.03
C LEU A 215 2.03 -1.80 -5.87
N GLY A 216 2.42 -2.18 -4.66
CA GLY A 216 2.18 -1.35 -3.48
C GLY A 216 0.78 -1.45 -2.92
N LEU A 217 0.05 -2.48 -3.34
CA LEU A 217 -1.41 -2.53 -3.13
C LEU A 217 -1.88 -3.73 -2.26
N ALA A 218 -0.93 -4.45 -1.67
CA ALA A 218 -1.26 -5.65 -0.88
C ALA A 218 -2.30 -5.41 0.22
N VAL A 219 -2.12 -4.32 0.96
CA VAL A 219 -3.03 -4.04 2.09
C VAL A 219 -4.39 -3.62 1.55
N ALA A 220 -4.39 -2.75 0.53
CA ALA A 220 -5.66 -2.33 -0.03
C ALA A 220 -6.45 -3.47 -0.68
N ASN A 221 -5.73 -4.37 -1.35
CA ASN A 221 -6.38 -5.58 -1.88
C ASN A 221 -6.97 -6.44 -0.75
N SER A 222 -6.26 -6.58 0.35
CA SER A 222 -6.76 -7.37 1.48
C SER A 222 -8.04 -6.74 2.04
N LEU A 223 -8.07 -5.40 2.17
CA LEU A 223 -9.28 -4.74 2.72
C LEU A 223 -10.46 -4.89 1.76
N ALA A 224 -10.17 -4.81 0.47
CA ALA A 224 -11.14 -5.01 -0.60
C ALA A 224 -11.73 -6.43 -0.56
N ALA A 225 -10.85 -7.42 -0.42
CA ALA A 225 -11.29 -8.82 -0.19
C ALA A 225 -12.30 -8.93 0.96
N LEU A 226 -12.02 -8.26 2.09
CA LEU A 226 -12.97 -8.26 3.24
C LEU A 226 -14.31 -7.62 2.86
N LYS A 227 -14.26 -6.47 2.18
CA LYS A 227 -15.48 -5.86 1.69
C LYS A 227 -16.22 -6.84 0.79
N GLY A 228 -15.48 -7.64 0.04
CA GLY A 228 -16.07 -8.64 -0.85
C GLY A 228 -16.60 -9.92 -0.21
N GLY A 229 -16.46 -10.06 1.10
CA GLY A 229 -16.93 -11.28 1.77
C GLY A 229 -15.85 -12.13 2.46
N ALA A 230 -14.57 -11.89 2.17
CA ALA A 230 -13.52 -12.64 2.88
C ALA A 230 -13.59 -12.28 4.36
N ARG A 231 -13.24 -13.24 5.22
CA ARG A 231 -13.14 -13.01 6.64
C ARG A 231 -11.79 -13.49 7.24
N GLN A 232 -10.86 -13.93 6.38
CA GLN A 232 -9.50 -14.21 6.82
C GLN A 232 -8.54 -13.45 5.91
N VAL A 233 -7.52 -12.81 6.52
CA VAL A 233 -6.41 -12.24 5.79
C VAL A 233 -5.10 -12.90 6.16
N GLU A 234 -4.41 -13.42 5.15
CA GLU A 234 -3.04 -13.91 5.30
C GLU A 234 -2.07 -12.76 5.18
N CYS A 235 -1.13 -12.67 6.12
CA CYS A 235 -0.28 -11.49 6.19
C CYS A 235 0.93 -11.85 7.03
N THR A 236 1.88 -10.92 7.09
CA THR A 236 3.11 -11.16 7.79
C THR A 236 3.54 -9.93 8.53
N VAL A 237 4.36 -10.14 9.57
CA VAL A 237 5.01 -8.99 10.24
C VAL A 237 5.90 -8.24 9.28
N ASN A 238 5.78 -6.91 9.26
CA ASN A 238 6.52 -6.03 8.36
C ASN A 238 6.30 -6.29 6.88
N GLY A 239 5.31 -7.10 6.52
CA GLY A 239 5.12 -7.49 5.09
C GLY A 239 6.22 -8.39 4.55
N LEU A 240 7.03 -8.94 5.45
CA LEU A 240 8.01 -9.95 5.09
C LEU A 240 7.52 -11.01 4.07
N GLY A 241 8.32 -11.21 3.02
CA GLY A 241 8.06 -12.25 2.02
C GLY A 241 8.94 -12.06 0.80
N GLU A 242 8.84 -12.99 -0.14
CA GLU A 242 9.64 -12.92 -1.37
C GLU A 242 9.18 -11.73 -2.21
N ARG A 243 10.04 -11.27 -3.12
CA ARG A 243 9.75 -10.19 -4.06
C ARG A 243 9.43 -8.94 -3.28
N ALA A 244 8.30 -8.33 -3.58
CA ALA A 244 7.96 -7.09 -2.86
C ALA A 244 7.18 -7.39 -1.58
N GLY A 245 6.97 -8.67 -1.29
CA GLY A 245 6.50 -9.07 0.03
C GLY A 245 5.00 -9.26 0.12
N ASN A 246 4.53 -9.44 1.35
CA ASN A 246 3.12 -9.72 1.64
C ASN A 246 2.41 -8.50 2.21
N ALA A 247 1.10 -8.61 2.43
CA ALA A 247 0.35 -7.59 3.17
C ALA A 247 0.91 -7.59 4.60
N SER A 248 1.14 -6.42 5.14
CA SER A 248 1.68 -6.32 6.50
C SER A 248 0.55 -6.46 7.54
N VAL A 249 0.73 -7.39 8.50
CA VAL A 249 -0.24 -7.55 9.57
C VAL A 249 -0.53 -6.24 10.29
N GLU A 250 0.51 -5.47 10.63
CA GLU A 250 0.31 -4.24 11.40
C GLU A 250 -0.54 -3.20 10.64
N GLU A 251 -0.41 -3.15 9.31
CA GLU A 251 -1.22 -2.22 8.54
C GLU A 251 -2.69 -2.65 8.43
N ILE A 252 -2.90 -3.93 8.15
N ILE A 252 -2.89 -3.93 8.15
CA ILE A 252 -4.25 -4.44 8.08
CA ILE A 252 -4.23 -4.47 8.07
C ILE A 252 -4.95 -4.16 9.40
C ILE A 252 -4.97 -4.22 9.38
N VAL A 253 -4.32 -4.55 10.50
CA VAL A 253 -4.96 -4.49 11.81
C VAL A 253 -5.27 -3.06 12.23
N MET A 254 -4.32 -2.16 11.97
CA MET A 254 -4.53 -0.77 12.35
C MET A 254 -5.45 0.01 11.40
N ALA A 255 -5.49 -0.36 10.12
CA ALA A 255 -6.53 0.18 9.21
C ALA A 255 -7.94 -0.21 9.71
N LEU A 256 -8.12 -1.48 10.08
CA LEU A 256 -9.41 -1.90 10.64
C LEU A 256 -9.76 -1.19 11.94
N LYS A 257 -8.77 -0.98 12.81
CA LYS A 257 -9.01 -0.39 14.12
C LYS A 257 -9.36 1.08 13.99
N VAL A 258 -8.50 1.81 13.27
CA VAL A 258 -8.66 3.25 13.11
C VAL A 258 -9.95 3.55 12.38
N ARG A 259 -10.20 2.80 11.30
CA ARG A 259 -11.39 3.04 10.47
C ARG A 259 -12.51 2.00 10.72
N HIS A 260 -12.59 1.53 11.97
CA HIS A 260 -13.71 0.69 12.40
C HIS A 260 -15.04 1.34 12.07
N ASP A 261 -15.08 2.68 12.05
CA ASP A 261 -16.26 3.41 11.59
C ASP A 261 -16.74 3.02 10.19
N LEU A 262 -15.81 2.69 9.30
CA LEU A 262 -16.19 2.34 7.96
C LEU A 262 -16.33 0.83 7.82
N PHE A 263 -15.53 0.06 8.57
CA PHE A 263 -15.47 -1.40 8.37
C PHE A 263 -16.38 -2.19 9.29
N GLY A 264 -16.47 -1.81 10.56
CA GLY A 264 -17.28 -2.56 11.53
C GLY A 264 -16.74 -3.96 11.79
N LEU A 265 -15.43 -4.15 11.58
CA LEU A 265 -14.82 -5.48 11.73
C LEU A 265 -13.87 -5.51 12.92
N GLU A 266 -13.74 -6.68 13.57
CA GLU A 266 -12.99 -6.87 14.82
C GLU A 266 -11.90 -7.91 14.64
N THR A 267 -10.81 -7.78 15.38
CA THR A 267 -9.82 -8.85 15.47
C THR A 267 -9.54 -9.11 16.95
N GLY A 268 -8.74 -10.11 17.25
CA GLY A 268 -8.34 -10.33 18.65
C GLY A 268 -6.96 -9.80 18.93
N ILE A 269 -6.48 -8.87 18.12
CA ILE A 269 -5.08 -8.44 18.20
C ILE A 269 -4.85 -7.54 19.43
N ASP A 270 -3.74 -7.72 20.14
CA ASP A 270 -3.30 -6.75 21.13
C ASP A 270 -2.35 -5.80 20.45
N THR A 271 -2.81 -4.57 20.19
CA THR A 271 -2.08 -3.68 19.32
C THR A 271 -0.79 -3.22 19.99
N THR A 272 -0.75 -3.23 21.33
CA THR A 272 0.47 -2.84 22.04
C THR A 272 1.64 -3.79 21.77
N GLN A 273 1.36 -4.93 21.15
CA GLN A 273 2.38 -5.89 20.79
C GLN A 273 2.93 -5.73 19.37
N ILE A 274 2.46 -4.75 18.62
CA ILE A 274 2.82 -4.62 17.21
C ILE A 274 4.31 -4.25 17.03
N VAL A 275 4.77 -3.24 17.78
CA VAL A 275 6.13 -2.74 17.60
C VAL A 275 7.18 -3.75 18.14
N PRO A 276 6.93 -4.36 19.31
CA PRO A 276 7.81 -5.50 19.69
C PRO A 276 7.90 -6.61 18.62
N SER A 277 6.77 -6.96 18.01
CA SER A 277 6.77 -7.99 16.98
C SER A 277 7.57 -7.52 15.76
N SER A 278 7.39 -6.25 15.36
CA SER A 278 8.13 -5.74 14.21
C SER A 278 9.66 -5.86 14.45
N LYS A 279 10.07 -5.44 15.65
CA LYS A 279 11.50 -5.28 15.96
C LYS A 279 12.15 -6.65 16.01
N LEU A 280 11.46 -7.58 16.63
CA LEU A 280 11.90 -8.96 16.74
C LEU A 280 12.14 -9.60 15.38
N VAL A 281 11.10 -9.58 14.52
CA VAL A 281 11.19 -10.16 13.20
C VAL A 281 12.28 -9.51 12.36
N SER A 282 12.34 -8.19 12.43
CA SER A 282 13.39 -7.46 11.76
C SER A 282 14.79 -7.90 12.22
N THR A 283 14.98 -8.02 13.52
CA THR A 283 16.27 -8.48 14.07
C THR A 283 16.68 -9.87 13.63
N ILE A 284 15.73 -10.79 13.70
CA ILE A 284 15.99 -12.20 13.38
C ILE A 284 16.19 -12.48 11.87
N THR A 285 15.51 -11.72 10.98
CA THR A 285 15.56 -11.99 9.55
C THR A 285 16.55 -11.09 8.84
N GLY A 286 16.98 -10.03 9.51
CA GLY A 286 17.82 -9.01 8.87
C GLY A 286 17.10 -8.20 7.82
N TYR A 287 15.77 -8.16 7.91
CA TYR A 287 14.98 -7.29 7.03
C TYR A 287 14.58 -6.05 7.81
N PRO A 288 15.28 -4.94 7.54
CA PRO A 288 14.99 -3.67 8.23
C PRO A 288 13.66 -3.08 7.79
N VAL A 289 13.06 -2.21 8.61
CA VAL A 289 11.96 -1.41 8.07
C VAL A 289 12.42 0.03 7.84
N GLN A 290 12.02 0.60 6.72
CA GLN A 290 12.38 1.98 6.44
C GLN A 290 11.71 2.95 7.41
N PRO A 291 12.31 4.15 7.57
CA PRO A 291 11.79 5.13 8.53
C PRO A 291 10.34 5.55 8.22
N ASN A 292 10.02 5.68 6.93
CA ASN A 292 8.68 6.00 6.48
C ASN A 292 8.01 4.68 6.12
N LYS A 293 7.66 3.93 7.14
CA LYS A 293 6.94 2.70 7.01
C LYS A 293 5.76 2.88 7.99
N ALA A 294 4.54 2.63 7.52
CA ALA A 294 3.35 2.78 8.34
C ALA A 294 3.48 1.99 9.63
N ILE A 295 3.08 2.65 10.73
CA ILE A 295 2.92 2.02 12.06
C ILE A 295 4.24 1.75 12.81
N VAL A 296 5.15 1.02 12.18
CA VAL A 296 6.36 0.53 12.83
C VAL A 296 7.64 1.22 12.36
N GLY A 297 7.52 2.10 11.37
CA GLY A 297 8.71 2.76 10.86
C GLY A 297 9.15 3.72 11.93
N ALA A 298 10.44 4.03 11.97
CA ALA A 298 10.96 4.93 12.98
C ALA A 298 10.26 6.31 13.04
N ASN A 299 9.67 6.76 11.94
CA ASN A 299 9.10 8.12 11.91
C ASN A 299 7.58 8.18 12.04
N ALA A 300 6.96 7.01 12.04
CA ALA A 300 5.52 6.92 11.91
C ALA A 300 4.79 7.83 12.93
N PHE A 301 5.40 8.08 14.08
CA PHE A 301 4.78 8.86 15.13
C PHE A 301 5.61 10.06 15.59
N SER A 302 6.57 10.48 14.77
CA SER A 302 7.53 11.52 15.20
C SER A 302 6.84 12.79 15.72
N GLU A 317 -14.92 13.68 14.39
CA GLU A 317 -14.36 12.58 13.60
C GLU A 317 -14.82 11.23 14.11
N THR A 318 -15.29 10.38 13.21
CA THR A 318 -15.80 9.08 13.61
C THR A 318 -14.69 8.03 13.70
N TYR A 319 -13.43 8.47 13.59
CA TYR A 319 -12.33 7.50 13.64
C TYR A 319 -11.38 7.66 14.83
N GLU A 320 -10.68 6.57 15.13
CA GLU A 320 -9.89 6.45 16.34
C GLU A 320 -8.42 6.81 16.07
N ILE A 321 -8.04 8.06 16.35
CA ILE A 321 -6.63 8.49 16.15
C ILE A 321 -5.66 7.55 16.87
N MET A 322 -4.60 7.12 16.17
CA MET A 322 -3.55 6.25 16.75
C MET A 322 -2.54 7.03 17.57
N SER A 323 -2.31 6.59 18.80
CA SER A 323 -1.14 7.05 19.57
C SER A 323 0.00 6.09 19.34
N ALA A 324 1.23 6.57 19.49
CA ALA A 324 2.40 5.69 19.41
C ALA A 324 2.33 4.59 20.48
N GLU A 325 1.92 4.93 21.69
N GLU A 325 1.93 4.98 21.69
CA GLU A 325 1.91 3.95 22.76
CA GLU A 325 1.85 4.04 22.79
C GLU A 325 0.89 2.85 22.51
C GLU A 325 0.96 2.86 22.43
N SER A 326 -0.17 3.15 21.76
CA SER A 326 -1.17 2.13 21.47
C SER A 326 -0.65 0.98 20.55
N VAL A 327 0.40 1.26 19.79
CA VAL A 327 0.97 0.20 18.92
C VAL A 327 2.28 -0.36 19.48
N GLY A 328 2.70 0.18 20.63
CA GLY A 328 3.75 -0.45 21.44
C GLY A 328 5.09 0.27 21.44
N TRP A 329 5.13 1.50 20.94
CA TRP A 329 6.34 2.33 21.07
C TRP A 329 6.57 2.70 22.51
N ALA A 330 7.79 2.50 23.00
CA ALA A 330 8.15 2.64 24.43
C ALA A 330 7.44 3.78 25.16
N THR B 10 -8.64 14.24 -20.88
CA THR B 10 -7.87 13.13 -21.50
C THR B 10 -7.57 12.02 -20.49
N ASN B 11 -6.71 11.11 -20.91
CA ASN B 11 -6.34 9.99 -20.09
C ASN B 11 -4.90 10.21 -19.61
N ARG B 12 -4.43 11.47 -19.66
CA ARG B 12 -3.06 11.77 -19.26
C ARG B 12 -3.09 12.12 -17.75
N VAL B 13 -2.26 11.44 -16.96
CA VAL B 13 -2.18 11.72 -15.53
C VAL B 13 -0.96 12.53 -15.30
N ILE B 14 -1.11 13.66 -14.61
CA ILE B 14 -0.01 14.56 -14.36
C ILE B 14 0.75 14.09 -13.11
N ILE B 15 2.06 13.88 -13.23
CA ILE B 15 2.84 13.46 -12.07
C ILE B 15 3.53 14.68 -11.48
N PHE B 16 3.16 15.01 -10.24
CA PHE B 16 3.61 16.19 -9.53
C PHE B 16 4.55 15.64 -8.47
N ASP B 17 5.84 15.86 -8.68
CA ASP B 17 6.80 15.31 -7.69
C ASP B 17 7.13 16.37 -6.66
N THR B 18 7.04 16.02 -5.38
CA THR B 18 7.43 17.00 -4.33
C THR B 18 8.50 16.37 -3.40
N THR B 19 9.37 15.55 -3.99
CA THR B 19 10.51 15.00 -3.27
C THR B 19 11.35 16.13 -2.66
N LEU B 20 11.49 17.22 -3.41
CA LEU B 20 12.37 18.31 -3.01
C LEU B 20 11.72 19.32 -2.08
N ARG B 21 10.41 19.20 -1.85
CA ARG B 21 9.75 20.11 -0.91
C ARG B 21 9.16 19.29 0.25
N ASP B 22 8.07 18.58 -0.05
CA ASP B 22 7.39 17.74 0.94
C ASP B 22 8.30 16.59 1.42
N GLY B 23 9.04 15.96 0.52
CA GLY B 23 9.99 14.89 0.92
C GLY B 23 11.13 15.39 1.83
N GLU B 24 11.73 16.51 1.45
CA GLU B 24 12.87 17.06 2.19
C GLU B 24 12.50 17.52 3.61
N GLN B 25 11.22 17.72 3.88
CA GLN B 25 10.74 18.00 5.25
C GLN B 25 10.86 16.80 6.21
N SER B 26 11.05 15.60 5.67
CA SER B 26 11.22 14.40 6.53
C SER B 26 12.43 14.58 7.45
N PRO B 27 12.31 14.12 8.71
CA PRO B 27 13.41 14.26 9.70
C PRO B 27 14.74 13.76 9.13
N GLY B 28 15.78 14.60 9.18
CA GLY B 28 17.12 14.22 8.69
C GLY B 28 17.29 14.35 7.17
N ALA B 29 16.23 14.72 6.46
CA ALA B 29 16.24 14.67 4.98
C ALA B 29 16.68 15.96 4.32
N ALA B 30 17.04 16.97 5.11
CA ALA B 30 17.51 18.24 4.58
C ALA B 30 18.63 18.02 3.53
N MET B 31 18.57 18.77 2.45
CA MET B 31 19.56 18.63 1.36
C MET B 31 20.25 19.96 1.12
N THR B 32 21.48 19.91 0.66
CA THR B 32 22.18 21.14 0.25
C THR B 32 21.66 21.61 -1.09
N LYS B 33 21.97 22.86 -1.46
CA LYS B 33 21.57 23.38 -2.78
C LYS B 33 22.04 22.47 -3.93
N GLU B 34 23.31 22.07 -3.90
N GLU B 34 23.31 22.09 -3.84
CA GLU B 34 23.82 21.24 -5.00
CA GLU B 34 23.97 21.21 -4.81
C GLU B 34 23.18 19.82 -5.05
C GLU B 34 23.23 19.88 -5.01
N GLU B 35 22.83 19.29 -3.88
CA GLU B 35 22.10 18.01 -3.86
C GLU B 35 20.71 18.17 -4.50
N LYS B 36 20.00 19.24 -4.14
CA LYS B 36 18.67 19.50 -4.73
C LYS B 36 18.75 19.62 -6.24
N ILE B 37 19.79 20.30 -6.72
CA ILE B 37 19.94 20.52 -8.15
C ILE B 37 20.17 19.18 -8.84
N ARG B 38 20.95 18.30 -8.23
N ARG B 38 20.96 18.32 -8.20
CA ARG B 38 21.25 17.00 -8.84
CA ARG B 38 21.26 16.99 -8.75
C ARG B 38 20.00 16.08 -8.84
C ARG B 38 19.99 16.13 -8.84
N VAL B 39 19.26 16.10 -7.74
CA VAL B 39 17.97 15.42 -7.69
C VAL B 39 17.00 16.03 -8.72
N ALA B 40 16.93 17.38 -8.83
CA ALA B 40 16.01 17.98 -9.80
C ALA B 40 16.32 17.54 -11.24
N ARG B 41 17.61 17.47 -11.57
CA ARG B 41 18.03 17.02 -12.89
C ARG B 41 17.58 15.58 -13.16
N GLN B 42 17.75 14.71 -12.17
CA GLN B 42 17.32 13.34 -12.31
C GLN B 42 15.77 13.21 -12.42
N LEU B 43 15.02 14.07 -11.72
CA LEU B 43 13.56 14.00 -11.82
C LEU B 43 13.10 14.43 -13.21
N GLU B 44 13.77 15.43 -13.77
CA GLU B 44 13.53 15.83 -15.16
C GLU B 44 13.77 14.64 -16.14
N LYS B 45 14.89 13.96 -15.96
CA LYS B 45 15.21 12.80 -16.79
C LYS B 45 14.11 11.72 -16.59
N LEU B 46 13.61 11.60 -15.35
CA LEU B 46 12.58 10.62 -15.06
C LEU B 46 11.26 10.95 -15.80
N GLY B 47 11.06 12.23 -16.11
CA GLY B 47 9.91 12.68 -16.89
C GLY B 47 8.70 13.06 -16.04
N VAL B 48 8.92 13.45 -14.79
CA VAL B 48 7.81 13.94 -13.99
C VAL B 48 7.37 15.25 -14.64
N ASP B 49 6.09 15.61 -14.47
CA ASP B 49 5.52 16.81 -15.11
C ASP B 49 5.88 18.06 -14.35
N ILE B 50 5.82 17.97 -13.02
CA ILE B 50 6.06 19.13 -12.14
C ILE B 50 7.09 18.73 -11.12
N ILE B 51 8.04 19.61 -10.89
CA ILE B 51 9.02 19.42 -9.82
C ILE B 51 8.79 20.56 -8.83
N GLU B 52 8.23 20.22 -7.68
CA GLU B 52 8.08 21.21 -6.62
C GLU B 52 9.41 21.31 -5.86
N ALA B 53 10.04 22.47 -5.98
CA ALA B 53 11.47 22.65 -5.72
C ALA B 53 11.70 23.10 -4.29
N GLY B 54 10.63 23.55 -3.63
CA GLY B 54 10.79 24.07 -2.31
C GLY B 54 9.72 25.11 -2.02
N PHE B 55 9.97 25.92 -0.98
CA PHE B 55 9.01 26.90 -0.46
C PHE B 55 9.81 28.23 -0.41
N ALA B 56 9.74 29.03 -1.47
CA ALA B 56 10.71 30.11 -1.66
C ALA B 56 10.76 31.09 -0.48
N ALA B 57 9.60 31.38 0.12
CA ALA B 57 9.49 32.40 1.18
C ALA B 57 9.99 31.91 2.57
N ALA B 58 10.33 30.63 2.71
CA ALA B 58 10.63 30.07 4.04
C ALA B 58 11.95 30.62 4.64
N SER B 59 12.96 30.83 3.78
CA SER B 59 14.29 31.37 4.23
C SER B 59 15.08 31.77 3.00
N PRO B 60 16.21 32.47 3.21
CA PRO B 60 17.02 32.84 2.02
C PRO B 60 17.57 31.60 1.35
N GLY B 61 17.89 30.56 2.13
CA GLY B 61 18.40 29.30 1.56
C GLY B 61 17.37 28.58 0.72
N ASP B 62 16.12 28.56 1.19
CA ASP B 62 15.05 27.95 0.42
C ASP B 62 14.79 28.72 -0.90
N PHE B 63 14.78 30.03 -0.83
CA PHE B 63 14.57 30.84 -2.00
C PHE B 63 15.67 30.54 -3.00
N GLU B 64 16.91 30.56 -2.53
CA GLU B 64 18.07 30.28 -3.39
C GLU B 64 18.03 28.90 -4.06
N ALA B 65 17.66 27.85 -3.32
CA ALA B 65 17.47 26.51 -3.92
C ALA B 65 16.33 26.45 -4.97
N VAL B 66 15.19 27.03 -4.67
CA VAL B 66 14.10 27.07 -5.66
C VAL B 66 14.56 27.81 -6.92
N ASN B 67 15.20 28.97 -6.69
CA ASN B 67 15.68 29.79 -7.79
C ASN B 67 16.71 29.04 -8.63
N ALA B 68 17.65 28.34 -7.98
CA ALA B 68 18.66 27.57 -8.72
C ALA B 68 18.00 26.42 -9.53
N ILE B 69 16.98 25.80 -8.97
CA ILE B 69 16.29 24.73 -9.71
C ILE B 69 15.53 25.33 -10.91
N ALA B 70 14.95 26.52 -10.72
CA ALA B 70 14.27 27.25 -11.79
C ALA B 70 15.26 27.67 -12.92
N LYS B 71 16.55 27.76 -12.59
CA LYS B 71 17.60 28.06 -13.55
C LYS B 71 18.25 26.82 -14.18
N THR B 72 17.83 25.63 -13.75
CA THR B 72 18.44 24.36 -14.18
C THR B 72 17.52 23.56 -15.10
N ILE B 73 16.21 23.64 -14.84
CA ILE B 73 15.25 22.75 -15.44
C ILE B 73 14.59 23.32 -16.68
N THR B 74 14.35 22.46 -17.66
CA THR B 74 13.74 22.86 -18.94
C THR B 74 12.41 22.16 -19.21
N LYS B 75 12.39 20.84 -19.12
CA LYS B 75 11.26 20.07 -19.65
C LYS B 75 10.15 19.82 -18.60
N SER B 76 10.46 19.89 -17.32
CA SER B 76 9.45 19.80 -16.29
C SER B 76 9.09 21.24 -15.81
N THR B 77 7.89 21.37 -15.26
CA THR B 77 7.44 22.64 -14.69
C THR B 77 8.09 22.78 -13.31
N VAL B 78 8.68 23.93 -13.02
CA VAL B 78 9.24 24.14 -11.68
C VAL B 78 8.19 24.86 -10.84
N CYS B 79 7.87 24.28 -9.68
CA CYS B 79 6.87 24.83 -8.77
C CYS B 79 7.50 25.28 -7.45
N SER B 80 6.95 26.34 -6.86
CA SER B 80 7.26 26.70 -5.48
C SER B 80 5.96 26.73 -4.66
N LEU B 81 6.03 26.26 -3.41
CA LEU B 81 4.95 26.42 -2.45
C LEU B 81 4.89 27.89 -2.00
N SER B 82 3.72 28.32 -1.57
CA SER B 82 3.54 29.64 -0.95
C SER B 82 2.34 29.59 -0.01
N ARG B 83 2.43 30.19 1.17
CA ARG B 83 1.19 30.49 1.91
C ARG B 83 0.27 31.44 1.13
N ALA B 84 -0.99 31.53 1.55
CA ALA B 84 -1.95 32.32 0.77
C ALA B 84 -1.85 33.79 1.23
N ILE B 85 -0.70 34.39 0.93
CA ILE B 85 -0.39 35.73 1.42
C ILE B 85 0.40 36.41 0.31
N GLU B 86 0.03 37.64 -0.05
CA GLU B 86 0.67 38.32 -1.15
C GLU B 86 2.19 38.25 -1.10
N ARG B 87 2.80 38.57 0.05
CA ARG B 87 4.25 38.67 0.04
C ARG B 87 4.87 37.30 -0.29
N ASP B 88 4.26 36.21 0.19
CA ASP B 88 4.83 34.88 -0.07
C ASP B 88 4.64 34.52 -1.55
N ILE B 89 3.50 34.90 -2.11
CA ILE B 89 3.24 34.61 -3.52
C ILE B 89 4.28 35.25 -4.41
N ARG B 90 4.63 36.51 -4.12
CA ARG B 90 5.61 37.23 -4.91
C ARG B 90 7.03 36.65 -4.73
N GLN B 91 7.32 36.16 -3.53
CA GLN B 91 8.56 35.42 -3.32
C GLN B 91 8.62 34.21 -4.25
N ALA B 92 7.52 33.45 -4.29
CA ALA B 92 7.41 32.27 -5.12
C ALA B 92 7.60 32.64 -6.58
N GLY B 93 6.92 33.71 -6.99
CA GLY B 93 6.93 34.13 -8.39
C GLY B 93 8.32 34.58 -8.83
N GLU B 94 8.99 35.36 -7.98
CA GLU B 94 10.38 35.77 -8.26
C GLU B 94 11.34 34.56 -8.32
N ALA B 95 11.14 33.60 -7.41
CA ALA B 95 12.09 32.46 -7.40
C ALA B 95 11.97 31.63 -8.66
N VAL B 96 10.74 31.40 -9.13
CA VAL B 96 10.58 30.53 -10.27
C VAL B 96 10.66 31.25 -11.63
N ALA B 97 10.79 32.58 -11.62
CA ALA B 97 10.72 33.36 -12.87
C ALA B 97 11.64 32.84 -14.02
N PRO B 98 12.88 32.39 -13.72
CA PRO B 98 13.74 31.96 -14.83
C PRO B 98 13.39 30.59 -15.45
N ALA B 99 12.48 29.82 -14.86
CA ALA B 99 12.03 28.57 -15.49
C ALA B 99 11.09 28.81 -16.72
N PRO B 100 11.32 28.09 -17.83
CA PRO B 100 10.40 28.25 -18.98
C PRO B 100 8.98 27.73 -18.70
N LYS B 101 8.86 26.75 -17.79
CA LYS B 101 7.55 26.30 -17.33
C LYS B 101 7.54 26.39 -15.81
N LYS B 102 6.57 27.14 -15.27
CA LYS B 102 6.56 27.53 -13.86
C LYS B 102 5.15 27.52 -13.29
N ARG B 103 5.06 27.12 -12.03
CA ARG B 103 3.81 27.00 -11.29
C ARG B 103 4.02 27.60 -9.92
N ILE B 104 2.98 28.23 -9.39
CA ILE B 104 2.97 28.59 -7.98
C ILE B 104 1.88 27.79 -7.33
N HIS B 105 2.23 27.13 -6.22
CA HIS B 105 1.28 26.31 -5.48
C HIS B 105 1.01 27.01 -4.17
N THR B 106 -0.22 27.51 -3.99
CA THR B 106 -0.65 28.09 -2.72
C THR B 106 -1.72 27.26 -1.99
N PHE B 107 -1.94 27.53 -0.70
CA PHE B 107 -2.84 26.65 0.07
C PHE B 107 -3.37 27.44 1.25
N ILE B 108 -4.44 26.95 1.87
CA ILE B 108 -4.87 27.47 3.17
C ILE B 108 -5.67 26.36 3.80
N ALA B 109 -5.65 26.27 5.13
CA ALA B 109 -6.46 25.26 5.83
C ALA B 109 -7.97 25.58 5.67
N THR B 110 -8.79 24.56 5.46
CA THR B 110 -10.22 24.75 5.12
C THR B 110 -11.16 23.98 6.10
N SER B 111 -10.58 23.35 7.11
CA SER B 111 -11.43 22.66 8.07
C SER B 111 -11.87 23.59 9.20
N PRO B 112 -13.07 23.34 9.80
CA PRO B 112 -13.63 24.25 10.82
C PRO B 112 -12.69 24.54 11.99
N ILE B 113 -12.07 23.52 12.56
CA ILE B 113 -11.22 23.77 13.73
C ILE B 113 -9.95 24.53 13.38
N HIS B 114 -9.25 24.11 12.31
CA HIS B 114 -8.05 24.81 11.86
C HIS B 114 -8.34 26.26 11.51
N MET B 115 -9.45 26.51 10.81
CA MET B 115 -9.81 27.88 10.49
C MET B 115 -10.05 28.69 11.78
N GLU B 116 -10.93 28.18 12.65
CA GLU B 116 -11.35 28.96 13.84
C GLU B 116 -10.19 29.10 14.82
N TYR B 117 -9.52 27.98 15.16
CA TYR B 117 -8.60 27.98 16.32
C TYR B 117 -7.12 27.98 15.98
N LYS B 118 -6.75 27.61 14.75
CA LYS B 118 -5.36 27.71 14.32
C LYS B 118 -5.05 28.98 13.52
N LEU B 119 -5.71 29.16 12.36
CA LEU B 119 -5.63 30.42 11.62
C LEU B 119 -6.29 31.60 12.30
N LYS B 120 -7.31 31.32 13.11
CA LYS B 120 -8.17 32.37 13.71
C LYS B 120 -8.75 33.32 12.66
N MET B 121 -9.36 32.71 11.66
CA MET B 121 -10.04 33.45 10.61
C MET B 121 -11.39 32.77 10.44
N LYS B 122 -12.39 33.55 10.05
CA LYS B 122 -13.66 33.03 9.62
C LYS B 122 -13.60 32.57 8.18
N PRO B 123 -14.49 31.63 7.81
CA PRO B 123 -14.60 31.09 6.45
C PRO B 123 -14.63 32.20 5.39
N LYS B 124 -15.30 33.31 5.67
CA LYS B 124 -15.34 34.40 4.69
C LYS B 124 -13.92 34.93 4.38
N GLN B 125 -13.14 35.12 5.44
CA GLN B 125 -11.79 35.59 5.36
C GLN B 125 -10.88 34.55 4.69
N VAL B 126 -11.07 33.28 4.99
CA VAL B 126 -10.28 32.25 4.35
C VAL B 126 -10.49 32.23 2.81
N ILE B 127 -11.72 32.28 2.36
CA ILE B 127 -11.98 32.40 0.90
C ILE B 127 -11.36 33.68 0.31
N GLU B 128 -11.53 34.82 1.00
CA GLU B 128 -10.99 36.09 0.47
C GLU B 128 -9.47 36.01 0.35
N ALA B 129 -8.81 35.42 1.34
CA ALA B 129 -7.33 35.34 1.28
C ALA B 129 -6.84 34.46 0.13
N ALA B 130 -7.50 33.30 -0.05
CA ALA B 130 -7.22 32.35 -1.15
C ALA B 130 -7.39 32.98 -2.54
N VAL B 131 -8.50 33.69 -2.74
CA VAL B 131 -8.76 34.37 -4.02
C VAL B 131 -7.68 35.41 -4.25
N LYS B 132 -7.33 36.18 -3.22
CA LYS B 132 -6.35 37.23 -3.41
C LYS B 132 -4.98 36.60 -3.80
N ALA B 133 -4.59 35.53 -3.11
CA ALA B 133 -3.28 34.86 -3.35
C ALA B 133 -3.21 34.34 -4.78
N VAL B 134 -4.29 33.69 -5.21
CA VAL B 134 -4.42 33.19 -6.59
C VAL B 134 -4.33 34.29 -7.65
N LYS B 135 -5.07 35.38 -7.45
CA LYS B 135 -4.98 36.50 -8.38
C LYS B 135 -3.55 37.08 -8.47
N ILE B 136 -2.86 37.24 -7.35
CA ILE B 136 -1.47 37.71 -7.38
C ILE B 136 -0.57 36.70 -8.08
N ALA B 137 -0.79 35.41 -7.79
CA ALA B 137 0.01 34.37 -8.41
C ALA B 137 -0.08 34.43 -9.96
N ARG B 138 -1.26 34.74 -10.46
CA ARG B 138 -1.48 34.83 -11.92
C ARG B 138 -0.71 36.00 -12.57
N GLU B 139 -0.17 36.91 -11.77
CA GLU B 139 0.66 37.99 -12.35
C GLU B 139 1.96 37.36 -12.80
N TYR B 140 2.28 36.18 -12.28
CA TYR B 140 3.60 35.57 -12.48
C TYR B 140 3.55 34.34 -13.42
N THR B 141 2.39 33.70 -13.46
CA THR B 141 2.28 32.48 -14.28
C THR B 141 0.83 32.18 -14.56
N ASP B 142 0.55 31.56 -15.70
CA ASP B 142 -0.78 31.05 -16.03
C ASP B 142 -1.07 29.75 -15.28
N ASP B 143 -0.08 29.23 -14.55
CA ASP B 143 -0.19 27.89 -13.96
C ASP B 143 -0.14 27.96 -12.44
N VAL B 144 -1.32 27.84 -11.82
CA VAL B 144 -1.49 28.09 -10.39
C VAL B 144 -2.28 26.95 -9.78
N GLU B 145 -1.70 26.33 -8.74
CA GLU B 145 -2.33 25.26 -7.98
C GLU B 145 -2.79 25.82 -6.62
N PHE B 146 -4.00 25.42 -6.20
CA PHE B 146 -4.49 25.70 -4.87
C PHE B 146 -4.76 24.41 -4.11
N SER B 147 -4.24 24.32 -2.89
CA SER B 147 -4.57 23.20 -1.99
C SER B 147 -5.50 23.61 -0.87
N CYS B 148 -6.50 22.77 -0.62
CA CYS B 148 -7.32 22.81 0.60
C CYS B 148 -6.69 21.99 1.71
N GLU B 149 -5.91 22.63 2.55
CA GLU B 149 -5.20 21.87 3.56
C GLU B 149 -6.23 21.35 4.59
N ASP B 150 -6.07 20.09 4.99
CA ASP B 150 -7.08 19.39 5.80
C ASP B 150 -8.43 19.26 5.09
N ALA B 151 -8.41 19.13 3.75
CA ALA B 151 -9.66 18.92 3.00
C ALA B 151 -10.60 17.86 3.57
N LEU B 152 -10.05 16.72 4.00
CA LEU B 152 -10.94 15.62 4.32
C LEU B 152 -11.59 15.75 5.69
N ARG B 153 -11.18 16.72 6.48
CA ARG B 153 -11.93 17.05 7.69
C ARG B 153 -12.67 18.38 7.52
N SER B 154 -12.85 18.80 6.27
CA SER B 154 -13.56 20.04 5.97
C SER B 154 -15.03 19.77 5.60
N GLU B 155 -15.88 20.78 5.74
CA GLU B 155 -17.25 20.70 5.26
C GLU B 155 -17.27 20.74 3.76
N ILE B 156 -17.91 19.75 3.14
CA ILE B 156 -17.95 19.61 1.69
C ILE B 156 -18.50 20.85 0.99
N ASP B 157 -19.55 21.46 1.55
CA ASP B 157 -20.12 22.70 1.03
C ASP B 157 -19.13 23.86 1.02
N PHE B 158 -18.31 23.93 2.06
CA PHE B 158 -17.34 24.98 2.14
C PHE B 158 -16.24 24.70 1.12
N LEU B 159 -15.80 23.45 1.01
CA LEU B 159 -14.83 23.10 -0.05
C LEU B 159 -15.31 23.50 -1.45
N ALA B 160 -16.60 23.29 -1.76
CA ALA B 160 -17.09 23.52 -3.10
C ALA B 160 -17.06 25.01 -3.33
N GLU B 161 -17.41 25.75 -2.30
CA GLU B 161 -17.45 27.18 -2.40
C GLU B 161 -16.03 27.78 -2.55
N ILE B 162 -15.09 27.42 -1.69
CA ILE B 162 -13.74 27.99 -1.88
C ILE B 162 -13.05 27.55 -3.22
N CYS B 163 -13.20 26.26 -3.58
CA CYS B 163 -12.66 25.74 -4.84
C CYS B 163 -13.25 26.52 -6.03
N GLY B 164 -14.57 26.75 -5.96
CA GLY B 164 -15.27 27.53 -6.97
C GLY B 164 -14.69 28.93 -7.07
N ALA B 165 -14.42 29.53 -5.91
CA ALA B 165 -13.93 30.89 -5.88
C ALA B 165 -12.51 30.95 -6.45
N VAL B 166 -11.66 29.95 -6.14
CA VAL B 166 -10.28 30.02 -6.62
C VAL B 166 -10.19 29.63 -8.11
N ILE B 167 -11.12 28.79 -8.57
CA ILE B 167 -11.16 28.53 -10.01
C ILE B 167 -11.52 29.85 -10.73
N GLU B 168 -12.51 30.56 -10.23
CA GLU B 168 -12.91 31.80 -10.84
C GLU B 168 -11.72 32.80 -10.84
N ALA B 169 -10.93 32.79 -9.76
CA ALA B 169 -9.80 33.70 -9.59
C ALA B 169 -8.60 33.31 -10.48
N GLY B 170 -8.60 32.11 -11.00
CA GLY B 170 -7.52 31.75 -11.91
C GLY B 170 -6.71 30.51 -11.60
N ALA B 171 -7.10 29.76 -10.57
CA ALA B 171 -6.42 28.47 -10.30
C ALA B 171 -6.79 27.40 -11.31
N THR B 172 -5.80 26.66 -11.78
CA THR B 172 -6.08 25.66 -12.80
C THR B 172 -5.89 24.23 -12.32
N THR B 173 -5.30 24.07 -11.14
CA THR B 173 -5.20 22.75 -10.51
C THR B 173 -5.66 22.87 -9.04
N ILE B 174 -6.54 21.97 -8.59
CA ILE B 174 -7.06 22.06 -7.23
C ILE B 174 -6.61 20.80 -6.55
N ASN B 175 -5.86 20.92 -5.46
CA ASN B 175 -5.31 19.74 -4.83
C ASN B 175 -5.98 19.46 -3.49
N ILE B 176 -6.28 18.19 -3.26
CA ILE B 176 -6.98 17.73 -2.07
C ILE B 176 -6.08 16.75 -1.32
N PRO B 177 -5.45 17.19 -0.21
CA PRO B 177 -4.62 16.26 0.53
C PRO B 177 -5.40 15.42 1.55
N ASP B 178 -4.94 14.17 1.76
CA ASP B 178 -5.34 13.42 2.94
C ASP B 178 -4.42 13.78 4.11
N THR B 179 -4.69 14.92 4.75
CA THR B 179 -3.72 15.52 5.67
C THR B 179 -3.40 14.56 6.81
N VAL B 180 -4.43 13.97 7.39
CA VAL B 180 -4.24 13.06 8.50
C VAL B 180 -3.71 11.70 8.05
N GLY B 181 -4.10 11.28 6.85
CA GLY B 181 -3.62 10.01 6.31
C GLY B 181 -4.46 8.78 6.61
N TYR B 182 -5.72 8.97 7.02
CA TYR B 182 -6.55 7.83 7.40
C TYR B 182 -7.63 7.47 6.39
N SER B 183 -7.58 8.04 5.18
CA SER B 183 -8.68 7.75 4.23
C SER B 183 -8.56 6.32 3.67
N ILE B 184 -9.67 5.81 3.15
CA ILE B 184 -9.77 4.43 2.62
C ILE B 184 -10.17 4.61 1.15
N PRO B 185 -9.63 3.80 0.22
CA PRO B 185 -9.79 4.08 -1.21
C PRO B 185 -11.24 4.32 -1.67
N TYR B 186 -12.21 3.49 -1.28
CA TYR B 186 -13.54 3.73 -1.85
C TYR B 186 -14.13 5.07 -1.36
N LYS B 187 -13.76 5.49 -0.15
CA LYS B 187 -14.18 6.82 0.33
C LYS B 187 -13.50 7.98 -0.37
N THR B 188 -12.22 7.81 -0.68
CA THR B 188 -11.45 8.79 -1.44
C THR B 188 -12.09 8.97 -2.82
N GLU B 189 -12.43 7.86 -3.46
CA GLU B 189 -13.02 7.93 -4.79
C GLU B 189 -14.36 8.72 -4.76
N GLU B 190 -15.19 8.41 -3.79
CA GLU B 190 -16.50 9.07 -3.60
C GLU B 190 -16.29 10.55 -3.28
N PHE B 191 -15.30 10.86 -2.46
CA PHE B 191 -15.09 12.22 -2.07
C PHE B 191 -14.71 13.09 -3.28
N PHE B 192 -13.77 12.59 -4.10
CA PHE B 192 -13.45 13.30 -5.34
C PHE B 192 -14.65 13.48 -6.25
N ARG B 193 -15.42 12.42 -6.46
CA ARG B 193 -16.51 12.47 -7.44
C ARG B 193 -17.50 13.52 -6.96
N GLU B 194 -17.77 13.52 -5.65
CA GLU B 194 -18.80 14.42 -5.08
C GLU B 194 -18.33 15.88 -5.09
N LEU B 195 -17.07 16.10 -4.72
CA LEU B 195 -16.57 17.48 -4.65
C LEU B 195 -16.49 18.11 -6.06
N ILE B 196 -15.99 17.33 -7.02
CA ILE B 196 -15.88 17.80 -8.38
C ILE B 196 -17.28 18.18 -8.85
N ALA B 197 -18.27 17.33 -8.59
CA ALA B 197 -19.64 17.61 -9.01
C ALA B 197 -20.25 18.85 -8.35
N LYS B 198 -19.91 19.13 -7.09
CA LYS B 198 -20.51 20.24 -6.34
C LYS B 198 -19.86 21.60 -6.65
N THR B 199 -18.60 21.58 -7.10
CA THR B 199 -17.79 22.79 -7.26
C THR B 199 -18.17 23.49 -8.58
N PRO B 200 -18.58 24.76 -8.49
CA PRO B 200 -18.81 25.55 -9.72
C PRO B 200 -17.62 25.55 -10.67
N ASN B 201 -17.89 25.14 -11.90
CA ASN B 201 -16.85 24.99 -12.93
C ASN B 201 -15.73 23.98 -12.58
N GLY B 202 -16.05 22.99 -11.74
CA GLY B 202 -15.10 21.95 -11.34
C GLY B 202 -14.62 21.13 -12.51
N GLY B 203 -15.46 21.02 -13.54
CA GLY B 203 -15.12 20.25 -14.72
C GLY B 203 -14.08 20.94 -15.58
N LYS B 204 -13.73 22.17 -15.24
CA LYS B 204 -12.92 22.97 -16.13
C LYS B 204 -11.47 22.95 -15.71
N VAL B 205 -11.16 22.32 -14.58
CA VAL B 205 -9.78 22.33 -14.08
C VAL B 205 -9.33 20.93 -13.77
N VAL B 206 -8.03 20.82 -13.48
CA VAL B 206 -7.43 19.57 -13.04
C VAL B 206 -7.51 19.40 -11.50
N TRP B 207 -7.93 18.20 -11.11
CA TRP B 207 -8.04 17.83 -9.71
C TRP B 207 -6.86 16.98 -9.33
N SER B 208 -6.32 17.25 -8.14
CA SER B 208 -5.10 16.61 -7.69
C SER B 208 -5.33 15.94 -6.34
N ALA B 209 -4.69 14.80 -6.14
CA ALA B 209 -4.66 14.11 -4.86
C ALA B 209 -3.26 14.14 -4.26
N HIS B 210 -3.20 14.30 -2.93
CA HIS B 210 -1.93 14.21 -2.21
C HIS B 210 -2.15 13.32 -1.01
N CYS B 211 -1.84 12.04 -1.17
CA CYS B 211 -2.23 11.05 -0.19
C CYS B 211 -1.08 10.70 0.75
N HIS B 212 -1.42 10.20 1.94
CA HIS B 212 -0.40 9.85 2.95
C HIS B 212 -0.48 8.42 3.36
N ASN B 213 0.66 7.85 3.77
CA ASN B 213 0.81 6.39 3.89
C ASN B 213 0.66 5.85 5.32
N ASP B 214 0.02 6.64 6.20
CA ASP B 214 -0.16 6.29 7.61
C ASP B 214 -0.82 4.95 7.90
N LEU B 215 -1.71 4.49 7.00
CA LEU B 215 -2.28 3.12 7.12
C LEU B 215 -1.83 2.20 5.98
N GLY B 216 -0.74 2.55 5.29
CA GLY B 216 -0.29 1.79 4.14
C GLY B 216 -1.14 1.93 2.87
N LEU B 217 -1.94 3.00 2.78
CA LEU B 217 -2.89 3.13 1.65
C LEU B 217 -2.64 4.28 0.69
N ALA B 218 -1.49 4.95 0.78
CA ALA B 218 -1.29 6.21 0.01
C ALA B 218 -1.48 5.95 -1.47
N VAL B 219 -0.89 4.87 -1.97
CA VAL B 219 -0.97 4.57 -3.41
C VAL B 219 -2.39 4.18 -3.86
N ALA B 220 -2.99 3.18 -3.18
CA ALA B 220 -4.41 2.84 -3.37
C ALA B 220 -5.35 4.08 -3.37
N ASN B 221 -5.15 4.99 -2.40
CA ASN B 221 -5.99 6.18 -2.33
C ASN B 221 -5.74 7.11 -3.51
N SER B 222 -4.50 7.14 -3.97
CA SER B 222 -4.16 7.94 -5.15
C SER B 222 -4.88 7.44 -6.39
N LEU B 223 -4.87 6.12 -6.58
CA LEU B 223 -5.52 5.51 -7.71
C LEU B 223 -7.04 5.70 -7.63
N ALA B 224 -7.60 5.61 -6.42
CA ALA B 224 -9.03 5.83 -6.21
C ALA B 224 -9.39 7.29 -6.58
N ALA B 225 -8.51 8.23 -6.21
CA ALA B 225 -8.75 9.63 -6.57
C ALA B 225 -8.86 9.75 -8.12
N LEU B 226 -7.96 9.08 -8.84
CA LEU B 226 -7.99 9.04 -10.32
C LEU B 226 -9.35 8.53 -10.84
N LYS B 227 -9.82 7.41 -10.28
CA LYS B 227 -11.10 6.82 -10.70
C LYS B 227 -12.21 7.81 -10.40
N GLY B 228 -12.07 8.57 -9.33
CA GLY B 228 -13.08 9.58 -8.96
C GLY B 228 -13.02 10.85 -9.82
N GLY B 229 -12.01 10.97 -10.69
CA GLY B 229 -11.95 12.15 -11.57
C GLY B 229 -10.71 13.02 -11.44
N ALA B 230 -9.85 12.76 -10.45
CA ALA B 230 -8.54 13.48 -10.38
C ALA B 230 -7.66 13.09 -11.58
N ARG B 231 -6.80 13.99 -12.03
CA ARG B 231 -5.87 13.67 -13.09
C ARG B 231 -4.44 14.15 -12.77
N GLN B 232 -4.23 14.60 -11.54
CA GLN B 232 -2.86 14.81 -11.06
C GLN B 232 -2.68 14.01 -9.76
N VAL B 233 -1.52 13.37 -9.59
CA VAL B 233 -1.13 12.74 -8.31
C VAL B 233 0.17 13.37 -7.79
N GLU B 234 0.12 13.85 -6.54
CA GLU B 234 1.30 14.33 -5.89
C GLU B 234 1.99 13.19 -5.17
N CYS B 235 3.30 13.09 -5.31
CA CYS B 235 3.98 11.86 -4.83
C CYS B 235 5.46 12.14 -4.78
N THR B 236 6.24 11.19 -4.27
CA THR B 236 7.66 11.44 -4.04
C THR B 236 8.43 10.17 -4.37
N VAL B 237 9.70 10.32 -4.72
CA VAL B 237 10.54 9.13 -4.94
C VAL B 237 10.62 8.37 -3.59
N ASN B 238 10.40 7.07 -3.65
CA ASN B 238 10.43 6.18 -2.49
C ASN B 238 9.38 6.53 -1.45
N GLY B 239 8.40 7.36 -1.82
CA GLY B 239 7.40 7.81 -0.84
C GLY B 239 7.99 8.63 0.29
N LEU B 240 9.20 9.15 0.08
CA LEU B 240 9.85 10.03 1.08
C LEU B 240 8.88 11.15 1.57
N GLY B 241 8.87 11.43 2.86
CA GLY B 241 7.91 12.36 3.47
C GLY B 241 7.86 12.15 4.99
N GLU B 242 7.33 13.12 5.71
CA GLU B 242 7.17 12.99 7.16
C GLU B 242 6.30 11.79 7.54
N ARG B 243 6.43 11.35 8.78
CA ARG B 243 5.58 10.32 9.33
C ARG B 243 5.77 9.07 8.49
N ALA B 244 4.67 8.49 7.99
CA ALA B 244 4.84 7.24 7.22
C ALA B 244 5.14 7.55 5.74
N GLY B 245 5.07 8.81 5.36
CA GLY B 245 5.50 9.22 4.01
C GLY B 245 4.32 9.50 3.10
N ASN B 246 4.65 9.77 1.84
CA ASN B 246 3.73 10.11 0.76
C ASN B 246 3.49 8.89 -0.14
N ALA B 247 2.62 9.05 -1.14
CA ALA B 247 2.51 8.06 -2.20
C ALA B 247 3.84 8.00 -2.95
N SER B 248 4.31 6.80 -3.28
N SER B 248 4.29 6.79 -3.24
CA SER B 248 5.59 6.71 -3.98
CA SER B 248 5.49 6.58 -4.04
C SER B 248 5.44 6.67 -5.50
C SER B 248 5.21 6.85 -5.50
N VAL B 249 6.06 7.64 -6.14
CA VAL B 249 5.91 7.87 -7.57
C VAL B 249 6.14 6.57 -8.34
N GLU B 250 7.07 5.73 -7.88
CA GLU B 250 7.37 4.53 -8.69
C GLU B 250 6.21 3.56 -8.70
N GLU B 251 5.54 3.45 -7.54
CA GLU B 251 4.38 2.58 -7.41
C GLU B 251 3.18 3.09 -8.20
N ILE B 252 2.88 4.40 -8.10
CA ILE B 252 1.82 4.97 -8.88
C ILE B 252 2.02 4.72 -10.39
N VAL B 253 3.19 5.07 -10.88
CA VAL B 253 3.47 5.02 -12.32
C VAL B 253 3.37 3.57 -12.79
N MET B 254 3.96 2.67 -12.01
CA MET B 254 3.99 1.27 -12.43
C MET B 254 2.63 0.55 -12.27
N ALA B 255 1.83 0.88 -11.23
CA ALA B 255 0.44 0.38 -11.16
C ALA B 255 -0.33 0.79 -12.44
N LEU B 256 -0.19 2.05 -12.85
CA LEU B 256 -0.84 2.53 -14.06
C LEU B 256 -0.28 1.86 -15.35
N LYS B 257 1.03 1.72 -15.44
CA LYS B 257 1.62 1.03 -16.58
C LYS B 257 1.18 -0.45 -16.64
N VAL B 258 1.37 -1.17 -15.54
CA VAL B 258 1.12 -2.61 -15.53
C VAL B 258 -0.36 -2.93 -15.76
N ARG B 259 -1.24 -2.15 -15.11
CA ARG B 259 -2.70 -2.35 -15.25
C ARG B 259 -3.35 -1.30 -16.16
N HIS B 260 -2.68 -0.96 -17.26
CA HIS B 260 -3.24 0.00 -18.24
C HIS B 260 -4.55 -0.54 -18.75
N ASP B 261 -4.65 -1.87 -18.78
CA ASP B 261 -5.86 -2.56 -19.15
C ASP B 261 -7.05 -2.17 -18.29
N LEU B 262 -6.85 -1.86 -17.00
CA LEU B 262 -7.98 -1.45 -16.16
C LEU B 262 -8.14 0.05 -16.06
N PHE B 263 -7.03 0.79 -16.13
CA PHE B 263 -7.10 2.25 -15.96
C PHE B 263 -7.15 3.04 -17.26
N GLY B 264 -6.43 2.58 -18.29
CA GLY B 264 -6.37 3.33 -19.55
C GLY B 264 -5.76 4.72 -19.43
N LEU B 265 -4.87 4.92 -18.45
CA LEU B 265 -4.28 6.23 -18.20
C LEU B 265 -2.79 6.26 -18.56
N GLU B 266 -2.31 7.42 -19.01
CA GLU B 266 -0.92 7.59 -19.50
C GLU B 266 -0.15 8.59 -18.66
N THR B 267 1.18 8.41 -18.56
CA THR B 267 2.09 9.39 -17.96
C THR B 267 3.21 9.69 -18.96
N GLY B 268 4.00 10.74 -18.69
CA GLY B 268 5.21 11.00 -19.52
C GLY B 268 6.48 10.40 -18.95
N ILE B 269 6.34 9.46 -18.00
CA ILE B 269 7.49 8.93 -17.22
C ILE B 269 8.36 8.01 -18.11
N ASP B 270 9.67 8.17 -18.00
CA ASP B 270 10.59 7.17 -18.58
C ASP B 270 10.85 6.11 -17.48
N THR B 271 10.18 4.97 -17.54
CA THR B 271 10.24 4.04 -16.40
C THR B 271 11.68 3.52 -16.19
N THR B 272 12.51 3.59 -17.24
CA THR B 272 13.91 3.12 -17.06
C THR B 272 14.71 4.00 -16.06
N GLN B 273 14.20 5.19 -15.74
CA GLN B 273 14.87 6.06 -14.78
C GLN B 273 14.41 5.87 -13.34
N ILE B 274 13.46 4.97 -13.12
CA ILE B 274 12.91 4.74 -11.78
C ILE B 274 13.95 4.27 -10.77
N VAL B 275 14.69 3.22 -11.10
CA VAL B 275 15.74 2.74 -10.17
C VAL B 275 16.90 3.77 -9.94
N PRO B 276 17.47 4.37 -11.00
CA PRO B 276 18.47 5.41 -10.76
C PRO B 276 17.91 6.55 -9.85
N SER B 277 16.65 6.93 -10.07
CA SER B 277 16.05 8.00 -9.24
C SER B 277 15.96 7.57 -7.78
N SER B 278 15.52 6.33 -7.54
CA SER B 278 15.38 5.81 -6.19
C SER B 278 16.73 5.76 -5.46
N LYS B 279 17.75 5.21 -6.12
CA LYS B 279 19.08 5.15 -5.54
C LYS B 279 19.64 6.52 -5.23
N LEU B 280 19.51 7.43 -6.18
CA LEU B 280 20.04 8.79 -5.98
C LEU B 280 19.36 9.45 -4.74
N VAL B 281 18.03 9.40 -4.69
CA VAL B 281 17.27 9.95 -3.54
C VAL B 281 17.63 9.29 -2.21
N SER B 282 17.70 7.97 -2.20
CA SER B 282 18.06 7.25 -0.99
C SER B 282 19.50 7.58 -0.53
N THR B 283 20.44 7.65 -1.47
CA THR B 283 21.81 8.06 -1.15
C THR B 283 21.82 9.47 -0.52
N ILE B 284 21.16 10.42 -1.17
CA ILE B 284 21.32 11.78 -0.76
C ILE B 284 20.69 12.04 0.62
N THR B 285 19.53 11.43 0.88
CA THR B 285 18.72 11.79 2.04
C THR B 285 19.06 10.93 3.25
N GLY B 286 19.77 9.82 3.02
CA GLY B 286 20.01 8.85 4.08
C GLY B 286 18.83 7.93 4.37
N TYR B 287 17.72 8.09 3.64
CA TYR B 287 16.54 7.21 3.86
C TYR B 287 16.69 5.92 3.05
N PRO B 288 16.97 4.78 3.73
CA PRO B 288 17.12 3.54 2.98
C PRO B 288 15.78 3.06 2.43
N VAL B 289 15.83 2.11 1.50
CA VAL B 289 14.65 1.51 0.90
C VAL B 289 14.69 0.05 1.39
N GLN B 290 13.64 -0.41 2.03
CA GLN B 290 13.72 -1.78 2.56
C GLN B 290 13.70 -2.79 1.39
N PRO B 291 14.18 -4.03 1.62
CA PRO B 291 14.32 -5.04 0.54
C PRO B 291 12.99 -5.45 -0.10
N ASN B 292 11.92 -5.50 0.67
CA ASN B 292 10.63 -5.93 0.10
C ASN B 292 9.80 -4.82 -0.56
N LYS B 293 10.39 -3.67 -0.73
CA LYS B 293 9.69 -2.47 -1.24
C LYS B 293 9.34 -2.68 -2.72
N ALA B 294 8.10 -2.37 -3.10
CA ALA B 294 7.69 -2.48 -4.48
C ALA B 294 8.60 -1.73 -5.44
N ILE B 295 8.88 -2.39 -6.56
CA ILE B 295 9.55 -1.81 -7.73
C ILE B 295 11.05 -1.60 -7.51
N VAL B 296 11.40 -0.96 -6.39
CA VAL B 296 12.79 -0.47 -6.20
C VAL B 296 13.49 -1.10 -5.01
N GLY B 297 12.77 -1.99 -4.30
CA GLY B 297 13.35 -2.78 -3.21
C GLY B 297 14.38 -3.75 -3.79
N ALA B 298 15.43 -4.04 -3.03
CA ALA B 298 16.49 -4.89 -3.56
C ALA B 298 15.92 -6.22 -4.05
N ASN B 299 14.79 -6.67 -3.47
CA ASN B 299 14.20 -8.01 -3.80
C ASN B 299 13.05 -7.99 -4.80
N ALA B 300 12.67 -6.82 -5.28
CA ALA B 300 11.40 -6.73 -6.01
C ALA B 300 11.44 -7.65 -7.23
N PHE B 301 12.61 -7.78 -7.84
CA PHE B 301 12.76 -8.72 -8.97
C PHE B 301 13.61 -9.96 -8.61
N SER B 302 13.62 -10.32 -7.33
CA SER B 302 14.30 -11.51 -6.84
C SER B 302 13.96 -12.74 -7.68
N HIS B 303 12.67 -12.99 -7.88
CA HIS B 303 12.23 -14.09 -8.74
C HIS B 303 12.95 -14.06 -10.07
N GLU B 317 -3.56 -13.08 -20.51
CA GLU B 317 -3.63 -12.00 -19.52
C GLU B 317 -3.53 -10.67 -20.26
N THR B 318 -4.29 -9.68 -19.80
N THR B 318 -4.30 -9.67 -19.82
CA THR B 318 -4.36 -8.38 -20.47
CA THR B 318 -4.34 -8.37 -20.49
C THR B 318 -3.43 -7.35 -19.82
C THR B 318 -3.49 -7.33 -19.78
N TYR B 319 -2.83 -7.71 -18.70
CA TYR B 319 -1.86 -6.83 -18.04
C TYR B 319 -0.45 -6.98 -18.61
N GLU B 320 0.34 -5.92 -18.40
CA GLU B 320 1.66 -5.79 -18.98
C GLU B 320 2.71 -6.15 -17.91
N ILE B 321 3.16 -7.41 -17.86
CA ILE B 321 4.10 -7.83 -16.80
C ILE B 321 5.41 -7.00 -16.81
N MET B 322 5.97 -6.69 -15.64
CA MET B 322 7.13 -5.81 -15.63
C MET B 322 8.44 -6.57 -15.45
N SER B 323 9.45 -6.14 -16.20
CA SER B 323 10.76 -6.77 -16.16
C SER B 323 11.63 -5.86 -15.32
N ALA B 324 12.68 -6.41 -14.73
CA ALA B 324 13.58 -5.60 -13.92
C ALA B 324 14.19 -4.49 -14.78
N GLU B 325 14.49 -4.81 -16.04
CA GLU B 325 15.14 -3.82 -16.88
C GLU B 325 14.21 -2.62 -17.16
N SER B 326 12.91 -2.88 -17.27
CA SER B 326 11.95 -1.82 -17.62
C SER B 326 11.87 -0.68 -16.58
N VAL B 327 12.29 -0.97 -15.35
CA VAL B 327 12.32 0.06 -14.31
C VAL B 327 13.74 0.52 -13.95
N GLY B 328 14.72 0.03 -14.71
CA GLY B 328 16.07 0.56 -14.65
C GLY B 328 17.03 -0.25 -13.80
N TRP B 329 16.69 -1.49 -13.46
CA TRP B 329 17.69 -2.34 -12.84
C TRP B 329 18.72 -2.68 -13.89
N ALA B 330 20.01 -2.60 -13.53
CA ALA B 330 21.14 -2.94 -14.44
C ALA B 330 21.02 -4.32 -15.09
#